data_1SNN
#
_entry.id   1SNN
#
_cell.length_a   53.395
_cell.length_b   69.366
_cell.length_c   57.574
_cell.angle_alpha   90.00
_cell.angle_beta   93.58
_cell.angle_gamma   90.00
#
_symmetry.space_group_name_H-M   'P 1 21 1'
#
loop_
_entity.id
_entity.type
_entity.pdbx_description
1 polymer '3,4-dihydroxy-2-butanone 4-phosphate synthase'
2 non-polymer RIBULOSE-5-PHOSPHATE
3 non-polymer 'ZINC ION'
4 non-polymer 'CALCIUM ION'
5 water water
#
_entity_poly.entity_id   1
_entity_poly.type   'polypeptide(L)'
_entity_poly.pdbx_seq_one_letter_code
;MNNVEKAIEALKKGEIILVYDSDEREGETDMVVASQFITPEHIRIMRKDAGGLICTALHPDICNKLGIPFMVDILEFASQ
KFKVLRELYPNDIPYDEKSSFSITINHRKTFTGITDNDRAFTIKKLAELVKEGRFNDFGKEFRSPGSVTLLRAAEGLVKN
RQGHTEMTVALAELANLVPITTICEMMGDDGNAMSKNETKRYAEKHNLIYLSGEEIINYYLDKYLKD
;
_entity_poly.pdbx_strand_id   A,B
#
# COMPACT_ATOMS: atom_id res chain seq x y z
N ASN A 2 8.09 19.75 -26.13
CA ASN A 2 7.80 21.05 -25.45
C ASN A 2 7.50 20.79 -23.97
N ASN A 3 6.24 20.48 -23.67
CA ASN A 3 5.85 20.18 -22.29
C ASN A 3 6.63 18.99 -21.75
N VAL A 4 6.94 18.02 -22.60
CA VAL A 4 7.72 16.86 -22.17
C VAL A 4 9.12 17.30 -21.77
N GLU A 5 9.72 18.20 -22.55
CA GLU A 5 11.05 18.69 -22.19
C GLU A 5 10.97 19.51 -20.90
N LYS A 6 9.87 20.22 -20.71
CA LYS A 6 9.69 21.00 -19.49
C LYS A 6 9.54 20.07 -18.25
N ALA A 7 8.81 18.97 -18.44
CA ALA A 7 8.62 17.99 -17.36
C ALA A 7 9.96 17.36 -17.04
N ILE A 8 10.75 17.08 -18.07
CA ILE A 8 12.08 16.50 -17.87
C ILE A 8 12.94 17.44 -17.02
N GLU A 9 12.93 18.73 -17.34
CA GLU A 9 13.69 19.69 -16.55
C GLU A 9 13.21 19.70 -15.10
N ALA A 10 11.90 19.59 -14.91
CA ALA A 10 11.33 19.58 -13.55
C ALA A 10 11.80 18.38 -12.74
N LEU A 11 11.81 17.21 -13.39
CA LEU A 11 12.26 16.00 -12.74
C LEU A 11 13.70 16.12 -12.34
N LYS A 12 14.51 16.75 -13.20
CA LYS A 12 15.93 16.92 -12.92
C LYS A 12 16.14 17.82 -11.71
N LYS A 13 15.15 18.65 -11.40
CA LYS A 13 15.25 19.54 -10.25
C LYS A 13 14.61 18.97 -8.99
N GLY A 14 14.17 17.70 -9.06
CA GLY A 14 13.58 17.07 -7.90
C GLY A 14 12.16 17.55 -7.62
N GLU A 15 11.46 17.99 -8.66
CA GLU A 15 10.11 18.47 -8.51
C GLU A 15 9.16 17.36 -8.90
N ILE A 16 7.90 17.57 -8.55
CA ILE A 16 6.84 16.62 -8.88
C ILE A 16 6.14 17.11 -10.13
N ILE A 17 5.79 16.16 -11.00
CA ILE A 17 5.02 16.45 -12.21
C ILE A 17 3.75 15.58 -12.14
N LEU A 18 2.75 15.94 -12.95
CA LEU A 18 1.51 15.16 -13.02
C LEU A 18 1.42 14.48 -14.40
N VAL A 19 1.08 13.20 -14.39
CA VAL A 19 0.96 12.45 -15.65
C VAL A 19 -0.38 11.73 -15.69
N TYR A 20 -1.16 12.06 -16.71
CA TYR A 20 -2.47 11.45 -16.94
C TYR A 20 -2.23 10.36 -17.99
N ASP A 21 -2.74 9.14 -17.80
CA ASP A 21 -2.45 8.14 -18.83
C ASP A 21 -3.29 8.26 -20.12
N SER A 22 -4.59 7.98 -20.05
CA SER A 22 -5.43 8.03 -21.24
C SER A 22 -6.89 7.82 -20.86
N ASP A 23 -7.79 8.45 -21.61
CA ASP A 23 -9.23 8.29 -21.35
C ASP A 23 -9.57 6.81 -21.56
N GLU A 24 -8.84 6.17 -22.46
CA GLU A 24 -9.08 4.78 -22.80
C GLU A 24 -8.38 3.75 -21.94
N ARG A 25 -7.66 4.21 -20.92
CA ARG A 25 -6.98 3.29 -20.02
C ARG A 25 -7.49 3.60 -18.62
N GLU A 26 -6.60 3.84 -17.64
CA GLU A 26 -7.09 4.11 -16.29
C GLU A 26 -7.86 5.42 -16.12
N GLY A 27 -7.56 6.41 -16.95
CA GLY A 27 -8.23 7.70 -16.78
C GLY A 27 -7.77 8.34 -15.48
N GLU A 28 -6.55 8.02 -15.08
CA GLU A 28 -5.99 8.53 -13.84
C GLU A 28 -4.72 9.37 -14.02
N THR A 29 -4.55 10.32 -13.11
CA THR A 29 -3.38 11.16 -13.07
C THR A 29 -2.55 10.79 -11.84
N ASP A 30 -1.27 10.52 -12.04
CA ASP A 30 -0.38 10.20 -10.92
C ASP A 30 0.56 11.37 -10.66
N MET A 31 0.86 11.61 -9.39
CA MET A 31 1.89 12.60 -9.05
C MET A 31 3.14 11.75 -9.26
N VAL A 32 4.19 12.37 -9.79
CA VAL A 32 5.42 11.67 -10.16
C VAL A 32 6.70 12.41 -9.74
N VAL A 33 7.68 11.68 -9.21
CA VAL A 33 8.95 12.31 -8.87
C VAL A 33 10.08 11.32 -9.17
N ALA A 34 11.27 11.84 -9.49
CA ALA A 34 12.40 10.95 -9.72
C ALA A 34 12.83 10.49 -8.34
N SER A 35 12.85 9.18 -8.14
CA SER A 35 13.18 8.59 -6.84
C SER A 35 14.52 9.00 -6.24
N GLN A 36 15.51 9.28 -7.08
CA GLN A 36 16.81 9.66 -6.53
C GLN A 36 16.77 11.00 -5.83
N PHE A 37 15.69 11.75 -6.04
CA PHE A 37 15.55 13.07 -5.43
C PHE A 37 14.39 13.10 -4.43
N ILE A 38 13.83 11.95 -4.12
CA ILE A 38 12.69 11.95 -3.21
C ILE A 38 13.04 12.46 -1.80
N THR A 39 12.07 13.12 -1.18
CA THR A 39 12.23 13.64 0.18
C THR A 39 10.98 13.28 0.97
N PRO A 40 11.06 13.42 2.30
CA PRO A 40 9.92 13.12 3.16
C PRO A 40 8.77 14.04 2.78
N GLU A 41 9.09 15.25 2.33
CA GLU A 41 8.07 16.21 1.92
C GLU A 41 7.30 15.75 0.68
N HIS A 42 7.98 15.05 -0.23
CA HIS A 42 7.29 14.52 -1.40
C HIS A 42 6.29 13.45 -0.95
N ILE A 43 6.72 12.57 -0.04
CA ILE A 43 5.83 11.52 0.46
C ILE A 43 4.61 12.14 1.13
N ARG A 44 4.86 13.20 1.90
CA ARG A 44 3.77 13.86 2.60
C ARG A 44 2.77 14.50 1.64
N ILE A 45 3.25 15.15 0.59
CA ILE A 45 2.32 15.78 -0.34
C ILE A 45 1.56 14.70 -1.13
N MET A 46 2.21 13.58 -1.41
CA MET A 46 1.53 12.50 -2.12
C MET A 46 0.42 11.89 -1.27
N ARG A 47 0.68 11.61 0.01
CA ARG A 47 -0.40 11.01 0.79
C ARG A 47 -1.51 12.00 1.11
N LYS A 48 -1.20 13.29 1.26
CA LYS A 48 -2.27 14.25 1.57
C LYS A 48 -3.02 14.75 0.35
N ASP A 49 -2.30 15.00 -0.74
CA ASP A 49 -2.91 15.57 -1.92
C ASP A 49 -3.25 14.65 -3.07
N ALA A 50 -2.69 13.44 -3.10
CA ALA A 50 -2.98 12.46 -4.18
C ALA A 50 -3.79 11.41 -3.45
N GLY A 51 -3.15 10.62 -2.58
CA GLY A 51 -3.93 9.69 -1.79
C GLY A 51 -3.98 8.23 -2.14
N GLY A 52 -3.50 7.86 -3.32
CA GLY A 52 -3.50 6.46 -3.68
C GLY A 52 -2.28 5.77 -3.09
N LEU A 53 -1.83 4.67 -3.69
CA LEU A 53 -0.66 3.99 -3.17
C LEU A 53 0.60 4.77 -3.58
N ILE A 54 1.64 4.70 -2.77
CA ILE A 54 2.88 5.34 -3.14
C ILE A 54 3.80 4.17 -3.57
N CYS A 55 4.01 4.08 -4.88
CA CYS A 55 4.80 2.99 -5.47
C CYS A 55 6.03 3.49 -6.18
N THR A 56 7.04 2.64 -6.28
CA THR A 56 8.29 3.02 -6.94
C THR A 56 8.53 2.11 -8.15
N ALA A 57 8.53 2.72 -9.33
CA ALA A 57 8.70 2.00 -10.60
C ALA A 57 10.17 1.87 -11.01
N LEU A 58 10.57 0.67 -11.43
CA LEU A 58 11.95 0.42 -11.81
C LEU A 58 12.11 -0.07 -13.25
N HIS A 59 13.10 0.48 -13.92
CA HIS A 59 13.40 0.09 -15.31
C HIS A 59 13.65 -1.41 -15.28
N PRO A 60 13.16 -2.14 -16.29
CA PRO A 60 13.38 -3.58 -16.32
C PRO A 60 14.86 -3.98 -16.26
N ASP A 61 15.73 -3.11 -16.75
CA ASP A 61 17.16 -3.43 -16.69
C ASP A 61 17.57 -3.56 -15.23
N ILE A 62 17.14 -2.60 -14.40
CA ILE A 62 17.46 -2.66 -12.99
C ILE A 62 16.82 -3.90 -12.37
N CYS A 63 15.57 -4.16 -12.71
CA CYS A 63 14.89 -5.34 -12.17
C CYS A 63 15.61 -6.64 -12.49
N ASN A 64 16.16 -6.76 -13.69
CA ASN A 64 16.88 -7.98 -14.07
C ASN A 64 18.20 -8.08 -13.33
N LYS A 65 18.87 -6.95 -13.10
CA LYS A 65 20.13 -6.97 -12.37
C LYS A 65 19.90 -7.34 -10.91
N LEU A 66 18.74 -6.98 -10.38
CA LEU A 66 18.46 -7.31 -8.99
C LEU A 66 17.71 -8.63 -8.84
N GLY A 67 17.15 -9.12 -9.94
CA GLY A 67 16.41 -10.37 -9.89
C GLY A 67 15.02 -10.18 -9.31
N ILE A 68 14.44 -8.99 -9.47
CA ILE A 68 13.10 -8.71 -8.96
C ILE A 68 12.05 -9.07 -9.99
N PRO A 69 11.18 -10.03 -9.66
CA PRO A 69 10.11 -10.47 -10.56
C PRO A 69 8.79 -9.74 -10.36
N PHE A 70 7.85 -10.02 -11.24
CA PHE A 70 6.50 -9.48 -11.12
C PHE A 70 5.81 -10.26 -9.99
N MET A 71 4.94 -9.59 -9.23
CA MET A 71 4.25 -10.27 -8.13
C MET A 71 3.35 -11.41 -8.60
N VAL A 72 2.65 -11.25 -9.74
CA VAL A 72 1.79 -12.34 -10.16
C VAL A 72 2.60 -13.62 -10.40
N ASP A 73 3.87 -13.49 -10.77
CA ASP A 73 4.72 -14.66 -10.99
C ASP A 73 5.12 -15.33 -9.68
N ILE A 74 5.30 -14.52 -8.64
CA ILE A 74 5.63 -15.05 -7.33
C ILE A 74 4.43 -15.84 -6.85
N LEU A 75 3.23 -15.27 -7.06
CA LEU A 75 2.01 -15.94 -6.62
C LEU A 75 1.76 -17.21 -7.44
N GLU A 76 2.02 -17.16 -8.74
CA GLU A 76 1.81 -18.31 -9.61
C GLU A 76 2.64 -19.48 -9.11
N PHE A 77 3.93 -19.23 -8.88
CA PHE A 77 4.80 -20.28 -8.38
C PHE A 77 4.39 -20.77 -6.98
N ALA A 78 4.01 -19.85 -6.09
CA ALA A 78 3.62 -20.20 -4.73
C ALA A 78 2.25 -20.88 -4.65
N SER A 79 1.48 -20.82 -5.73
CA SER A 79 0.17 -21.44 -5.75
C SER A 79 0.33 -22.96 -5.66
N GLN A 80 1.54 -23.47 -5.95
CA GLN A 80 1.77 -24.91 -5.85
C GLN A 80 1.56 -25.33 -4.40
N LYS A 81 1.84 -24.44 -3.47
CA LYS A 81 1.68 -24.72 -2.05
C LYS A 81 0.43 -24.11 -1.46
N PHE A 82 0.08 -22.90 -1.90
CA PHE A 82 -1.10 -22.24 -1.37
C PHE A 82 -2.17 -22.19 -2.45
N LYS A 83 -3.08 -23.17 -2.39
CA LYS A 83 -4.15 -23.29 -3.38
C LYS A 83 -5.02 -22.05 -3.60
N VAL A 84 -5.21 -21.25 -2.57
CA VAL A 84 -6.02 -20.03 -2.72
C VAL A 84 -5.46 -19.10 -3.81
N LEU A 85 -4.15 -19.08 -3.97
CA LEU A 85 -3.55 -18.19 -4.96
C LEU A 85 -4.02 -18.46 -6.38
N ARG A 86 -4.19 -19.72 -6.74
CA ARG A 86 -4.64 -20.08 -8.08
C ARG A 86 -5.97 -19.41 -8.42
N GLU A 87 -6.93 -19.50 -7.50
CA GLU A 87 -8.25 -18.91 -7.69
C GLU A 87 -8.28 -17.37 -7.74
N LEU A 88 -7.16 -16.74 -7.36
CA LEU A 88 -7.08 -15.29 -7.35
C LEU A 88 -6.33 -14.70 -8.56
N TYR A 89 -6.05 -15.55 -9.56
CA TYR A 89 -5.32 -15.08 -10.73
C TYR A 89 -6.00 -13.87 -11.39
N PRO A 90 -5.25 -12.80 -11.65
CA PRO A 90 -5.73 -11.57 -12.27
C PRO A 90 -5.90 -11.69 -13.78
N ASN A 91 -6.41 -12.82 -14.23
CA ASN A 91 -6.58 -13.00 -15.67
C ASN A 91 -7.63 -12.04 -16.21
N ASP A 92 -8.07 -11.09 -15.38
CA ASP A 92 -9.09 -10.16 -15.82
C ASP A 92 -8.87 -8.67 -15.51
N ILE A 93 -7.63 -8.23 -15.27
CA ILE A 93 -7.41 -6.80 -15.02
C ILE A 93 -8.04 -6.09 -16.22
N PRO A 94 -9.04 -5.24 -15.96
CA PRO A 94 -9.84 -4.45 -16.90
C PRO A 94 -9.23 -3.39 -17.81
N TYR A 95 -8.02 -2.93 -17.54
CA TYR A 95 -7.43 -1.87 -18.36
C TYR A 95 -6.11 -2.18 -19.07
N ASP A 96 -5.58 -3.38 -18.89
CA ASP A 96 -4.31 -3.75 -19.53
C ASP A 96 -4.15 -5.28 -19.42
N GLU A 97 -3.16 -5.85 -20.12
CA GLU A 97 -2.95 -7.31 -20.05
C GLU A 97 -2.40 -7.73 -18.69
N LYS A 98 -1.43 -6.97 -18.20
CA LYS A 98 -0.77 -7.29 -16.93
C LYS A 98 -0.62 -6.13 -15.97
N SER A 99 -0.45 -6.47 -14.70
CA SER A 99 -0.22 -5.49 -13.63
C SER A 99 1.28 -5.23 -13.62
N SER A 100 1.69 -4.08 -13.09
CA SER A 100 3.10 -3.80 -12.98
C SER A 100 3.57 -4.12 -11.54
N PHE A 101 2.67 -4.57 -10.67
CA PHE A 101 3.04 -4.87 -9.27
C PHE A 101 4.20 -5.84 -9.09
N SER A 102 5.11 -5.48 -8.21
CA SER A 102 6.24 -6.30 -7.87
C SER A 102 6.27 -6.46 -6.35
N ILE A 103 7.44 -6.71 -5.79
CA ILE A 103 7.59 -6.92 -4.34
C ILE A 103 7.48 -5.65 -3.52
N THR A 104 7.36 -5.83 -2.21
CA THR A 104 7.34 -4.66 -1.31
C THR A 104 8.60 -4.71 -0.48
N ILE A 105 9.15 -3.56 -0.14
CA ILE A 105 10.36 -3.57 0.66
C ILE A 105 10.40 -2.47 1.70
N ASN A 106 11.36 -2.61 2.62
CA ASN A 106 11.68 -1.59 3.62
C ASN A 106 13.20 -1.64 3.71
N HIS A 107 13.85 -0.48 3.83
CA HIS A 107 15.32 -0.52 4.05
C HIS A 107 15.46 -1.09 5.46
N ARG A 108 16.49 -1.91 5.68
CA ARG A 108 16.68 -2.54 6.98
C ARG A 108 16.94 -1.58 8.14
N LYS A 109 17.33 -0.34 7.82
CA LYS A 109 17.58 0.64 8.87
C LYS A 109 16.35 1.44 9.29
N THR A 110 15.19 1.16 8.69
CA THR A 110 13.97 1.86 9.08
C THR A 110 13.31 1.11 10.26
N PHE A 111 12.41 1.79 10.96
CA PHE A 111 11.72 1.16 12.08
C PHE A 111 10.42 0.52 11.62
N THR A 112 9.33 1.29 11.55
CA THR A 112 8.08 0.67 11.10
C THR A 112 8.01 0.67 9.60
N GLY A 113 8.79 1.56 8.96
CA GLY A 113 8.85 1.61 7.50
C GLY A 113 7.84 2.48 6.77
N ILE A 114 6.76 2.84 7.47
CA ILE A 114 5.67 3.61 6.85
C ILE A 114 5.73 5.16 6.95
N THR A 115 6.50 5.69 7.90
CA THR A 115 6.57 7.14 8.03
C THR A 115 7.16 7.85 6.79
N ASP A 116 6.96 9.18 6.68
CA ASP A 116 7.49 9.90 5.53
C ASP A 116 9.01 9.76 5.51
N ASN A 117 9.62 9.86 6.67
CA ASN A 117 11.06 9.73 6.77
C ASN A 117 11.50 8.33 6.36
N ASP A 118 10.79 7.30 6.81
CA ASP A 118 11.15 5.92 6.46
C ASP A 118 10.95 5.63 4.98
N ARG A 119 9.78 5.98 4.43
CA ARG A 119 9.56 5.68 3.01
C ARG A 119 10.51 6.45 2.12
N ALA A 120 10.77 7.70 2.43
CA ALA A 120 11.71 8.47 1.60
C ALA A 120 13.10 7.86 1.71
N PHE A 121 13.49 7.41 2.90
CA PHE A 121 14.81 6.81 3.10
C PHE A 121 14.96 5.52 2.29
N THR A 122 13.96 4.66 2.36
CA THR A 122 13.96 3.39 1.63
C THR A 122 14.11 3.63 0.14
N ILE A 123 13.29 4.54 -0.39
CA ILE A 123 13.32 4.82 -1.82
C ILE A 123 14.60 5.47 -2.27
N LYS A 124 15.06 6.47 -1.53
CA LYS A 124 16.31 7.15 -1.93
C LYS A 124 17.49 6.21 -1.84
N LYS A 125 17.52 5.37 -0.81
CA LYS A 125 18.65 4.43 -0.66
C LYS A 125 18.65 3.40 -1.80
N LEU A 126 17.45 3.02 -2.28
CA LEU A 126 17.38 2.07 -3.37
C LEU A 126 17.95 2.74 -4.62
N ALA A 127 17.53 3.99 -4.86
CA ALA A 127 18.01 4.73 -6.03
C ALA A 127 19.51 4.90 -5.96
N GLU A 128 20.06 5.14 -4.77
CA GLU A 128 21.50 5.30 -4.63
C GLU A 128 22.25 3.99 -4.85
N LEU A 129 21.71 2.90 -4.33
CA LEU A 129 22.37 1.61 -4.49
C LEU A 129 22.48 1.31 -5.97
N VAL A 130 21.41 1.57 -6.70
CA VAL A 130 21.41 1.34 -8.13
C VAL A 130 22.38 2.27 -8.86
N LYS A 131 22.32 3.56 -8.54
CA LYS A 131 23.22 4.53 -9.18
C LYS A 131 24.70 4.15 -9.00
N GLU A 132 25.04 3.60 -7.84
CA GLU A 132 26.40 3.20 -7.52
C GLU A 132 26.74 1.79 -7.99
N GLY A 133 25.79 1.14 -8.66
CA GLY A 133 26.02 -0.20 -9.18
C GLY A 133 26.23 -1.27 -8.11
N ARG A 134 25.82 -0.98 -6.88
CA ARG A 134 25.98 -1.93 -5.79
C ARG A 134 24.84 -2.94 -5.71
N PHE A 135 24.55 -3.62 -6.82
CA PHE A 135 23.47 -4.60 -6.84
C PHE A 135 23.64 -5.76 -5.85
N ASN A 136 24.88 -6.20 -5.63
CA ASN A 136 25.12 -7.29 -4.70
C ASN A 136 24.76 -6.88 -3.26
N ASP A 137 24.43 -5.61 -3.05
CA ASP A 137 24.09 -5.11 -1.72
C ASP A 137 22.58 -5.05 -1.43
N PHE A 138 21.75 -5.34 -2.42
CA PHE A 138 20.29 -5.28 -2.24
C PHE A 138 19.78 -5.99 -0.97
N GLY A 139 20.04 -7.29 -0.84
CA GLY A 139 19.58 -8.02 0.32
C GLY A 139 20.21 -7.52 1.60
N LYS A 140 21.44 -7.04 1.50
CA LYS A 140 22.14 -6.53 2.66
C LYS A 140 21.44 -5.29 3.22
N GLU A 141 20.85 -4.50 2.33
CA GLU A 141 20.21 -3.24 2.75
C GLU A 141 18.68 -3.25 2.88
N PHE A 142 18.02 -4.19 2.23
CA PHE A 142 16.55 -4.22 2.25
C PHE A 142 15.93 -5.55 2.63
N ARG A 143 14.68 -5.51 3.10
CA ARG A 143 13.95 -6.74 3.44
C ARG A 143 12.55 -6.64 2.82
N SER A 144 11.89 -7.80 2.68
CA SER A 144 10.54 -7.88 2.12
C SER A 144 9.76 -8.86 3.02
N PRO A 145 8.47 -8.60 3.27
CA PRO A 145 7.60 -7.50 2.84
C PRO A 145 7.95 -6.18 3.53
N GLY A 146 7.40 -5.09 3.00
CA GLY A 146 7.63 -3.76 3.52
C GLY A 146 6.52 -2.78 3.12
N SER A 147 6.69 -1.50 3.46
CA SER A 147 5.70 -0.47 3.15
C SER A 147 5.83 0.17 1.77
N VAL A 148 7.01 0.01 1.16
CA VAL A 148 7.24 0.57 -0.15
C VAL A 148 7.00 -0.48 -1.24
N THR A 149 5.97 -0.29 -2.04
CA THR A 149 5.65 -1.22 -3.12
C THR A 149 6.46 -0.88 -4.36
N LEU A 150 7.08 -1.90 -4.96
CA LEU A 150 7.83 -1.69 -6.18
C LEU A 150 6.98 -2.11 -7.36
N LEU A 151 7.26 -1.52 -8.51
CA LEU A 151 6.55 -1.81 -9.73
C LEU A 151 7.65 -2.13 -10.74
N ARG A 152 7.42 -3.13 -11.57
CA ARG A 152 8.42 -3.49 -12.57
C ARG A 152 7.90 -3.01 -13.93
N ALA A 153 8.64 -2.11 -14.57
CA ALA A 153 8.28 -1.58 -15.89
C ALA A 153 8.52 -2.68 -16.94
N ALA A 154 7.67 -2.70 -17.96
CA ALA A 154 7.76 -3.69 -19.03
C ALA A 154 9.02 -3.52 -19.88
N GLU A 155 9.49 -4.64 -20.43
CA GLU A 155 10.66 -4.61 -21.31
C GLU A 155 10.24 -3.75 -22.50
N GLY A 156 11.10 -2.81 -22.88
CA GLY A 156 10.79 -1.94 -24.00
C GLY A 156 9.98 -0.72 -23.58
N LEU A 157 9.65 -0.64 -22.29
CA LEU A 157 8.88 0.47 -21.75
C LEU A 157 7.61 0.73 -22.58
N VAL A 158 7.32 2.00 -22.91
CA VAL A 158 6.10 2.33 -23.65
C VAL A 158 5.98 1.70 -25.02
N LYS A 159 7.01 0.99 -25.45
CA LYS A 159 6.93 0.31 -26.73
C LYS A 159 6.10 -0.97 -26.57
N ASN A 160 5.96 -1.45 -25.33
CA ASN A 160 5.21 -2.67 -25.07
C ASN A 160 4.09 -2.59 -24.03
N ARG A 161 4.10 -1.53 -23.21
CA ARG A 161 3.06 -1.31 -22.20
C ARG A 161 3.01 0.20 -21.98
N GLN A 162 1.80 0.75 -21.94
CA GLN A 162 1.68 2.20 -21.80
C GLN A 162 1.03 2.63 -20.48
N GLY A 163 1.57 2.13 -19.38
CA GLY A 163 1.04 2.55 -18.09
C GLY A 163 1.91 3.67 -17.54
N HIS A 164 1.51 4.20 -16.38
CA HIS A 164 2.29 5.25 -15.74
C HIS A 164 3.63 4.65 -15.38
N THR A 165 3.65 3.34 -15.11
CA THR A 165 4.88 2.68 -14.74
C THR A 165 5.91 2.92 -15.85
N GLU A 166 5.54 2.55 -17.07
CA GLU A 166 6.43 2.72 -18.22
C GLU A 166 6.68 4.16 -18.64
N MET A 167 5.61 4.95 -18.70
CA MET A 167 5.72 6.37 -19.09
C MET A 167 6.67 7.16 -18.18
N THR A 168 6.55 6.98 -16.86
CA THR A 168 7.41 7.75 -15.97
C THR A 168 8.85 7.26 -15.96
N VAL A 169 9.05 5.95 -16.12
CA VAL A 169 10.40 5.43 -16.14
C VAL A 169 11.05 5.93 -17.42
N ALA A 170 10.22 6.07 -18.46
CA ALA A 170 10.74 6.54 -19.75
C ALA A 170 11.20 8.00 -19.62
N LEU A 171 10.41 8.81 -18.92
CA LEU A 171 10.78 10.22 -18.71
C LEU A 171 12.09 10.31 -17.92
N ALA A 172 12.24 9.48 -16.89
CA ALA A 172 13.47 9.52 -16.10
C ALA A 172 14.67 9.14 -16.99
N GLU A 173 14.48 8.19 -17.90
CA GLU A 173 15.57 7.76 -18.77
C GLU A 173 15.95 8.91 -19.71
N LEU A 174 14.94 9.52 -20.32
CA LEU A 174 15.14 10.66 -21.23
C LEU A 174 15.88 11.81 -20.53
N ALA A 175 15.71 11.90 -19.21
CA ALA A 175 16.33 12.95 -18.39
C ALA A 175 17.74 12.60 -17.95
N ASN A 176 18.20 11.42 -18.34
CA ASN A 176 19.53 10.94 -17.96
C ASN A 176 19.69 10.75 -16.46
N LEU A 177 18.57 10.43 -15.82
CA LEU A 177 18.54 10.19 -14.38
C LEU A 177 18.50 8.68 -14.18
N VAL A 178 18.65 8.23 -12.93
CA VAL A 178 18.55 6.80 -12.61
C VAL A 178 17.10 6.55 -13.00
N PRO A 179 16.83 5.53 -13.84
CA PRO A 179 15.42 5.30 -14.22
C PRO A 179 14.55 4.58 -13.21
N ILE A 180 14.25 5.31 -12.13
CA ILE A 180 13.44 4.82 -11.02
C ILE A 180 12.56 5.99 -10.62
N THR A 181 11.24 5.80 -10.60
CA THR A 181 10.31 6.88 -10.23
C THR A 181 9.40 6.48 -9.09
N THR A 182 8.82 7.47 -8.43
CA THR A 182 7.87 7.19 -7.35
C THR A 182 6.60 7.87 -7.77
N ILE A 183 5.50 7.13 -7.75
CA ILE A 183 4.23 7.65 -8.25
C ILE A 183 3.06 7.38 -7.32
N CYS A 184 2.05 8.26 -7.37
CA CYS A 184 0.88 8.14 -6.48
C CYS A 184 -0.37 8.65 -7.20
N GLU A 185 -1.42 7.82 -7.26
CA GLU A 185 -2.66 8.20 -7.93
C GLU A 185 -3.42 9.32 -7.20
N MET A 186 -3.92 10.29 -7.95
CA MET A 186 -4.66 11.39 -7.35
C MET A 186 -6.15 11.03 -7.21
N MET A 187 -6.62 11.01 -5.97
CA MET A 187 -8.00 10.65 -5.66
C MET A 187 -8.89 11.83 -5.37
N GLY A 188 -10.15 11.67 -5.76
CA GLY A 188 -11.15 12.73 -5.58
C GLY A 188 -12.03 12.56 -4.36
N ASP A 189 -12.55 13.68 -3.89
CA ASP A 189 -13.43 13.68 -2.72
C ASP A 189 -14.74 12.92 -2.91
N ASP A 190 -15.19 12.76 -4.17
CA ASP A 190 -16.43 12.05 -4.42
C ASP A 190 -16.29 10.52 -4.38
N GLY A 191 -15.08 10.01 -4.17
CA GLY A 191 -14.91 8.57 -4.11
C GLY A 191 -14.32 7.95 -5.35
N ASN A 192 -14.20 8.73 -6.43
CA ASN A 192 -13.61 8.28 -7.68
C ASN A 192 -12.23 8.90 -7.78
N ALA A 193 -11.53 8.56 -8.86
CA ALA A 193 -10.22 9.15 -9.09
C ALA A 193 -10.47 10.62 -9.36
N MET A 194 -9.50 11.47 -9.03
CA MET A 194 -9.69 12.88 -9.30
C MET A 194 -9.86 13.08 -10.80
N SER A 195 -10.84 13.88 -11.19
CA SER A 195 -11.10 14.14 -12.60
C SER A 195 -9.98 14.89 -13.30
N LYS A 196 -9.97 14.76 -14.62
CA LYS A 196 -9.01 15.43 -15.48
C LYS A 196 -9.08 16.93 -15.20
N ASN A 197 -10.29 17.46 -15.03
CA ASN A 197 -10.47 18.88 -14.76
C ASN A 197 -9.92 19.34 -13.42
N GLU A 198 -10.11 18.52 -12.39
CA GLU A 198 -9.61 18.86 -11.08
C GLU A 198 -8.11 18.68 -10.98
N THR A 199 -7.53 17.71 -11.69
CA THR A 199 -6.10 17.56 -11.61
C THR A 199 -5.46 18.71 -12.38
N LYS A 200 -6.12 19.19 -13.43
CA LYS A 200 -5.61 20.34 -14.17
C LYS A 200 -5.62 21.58 -13.24
N ARG A 201 -6.72 21.79 -12.52
CA ARG A 201 -6.80 22.91 -11.58
C ARG A 201 -5.68 22.82 -10.52
N TYR A 202 -5.36 21.61 -10.07
CA TYR A 202 -4.27 21.42 -9.09
C TYR A 202 -2.94 21.86 -9.69
N ALA A 203 -2.67 21.39 -10.91
CA ALA A 203 -1.44 21.68 -11.62
C ALA A 203 -1.26 23.17 -11.86
N GLU A 204 -2.36 23.85 -12.14
CA GLU A 204 -2.33 25.30 -12.39
C GLU A 204 -2.11 26.06 -11.09
N LYS A 205 -2.74 25.61 -10.01
CA LYS A 205 -2.54 26.28 -8.72
C LYS A 205 -1.12 26.17 -8.26
N HIS A 206 -0.54 24.97 -8.39
CA HIS A 206 0.80 24.69 -7.90
C HIS A 206 1.94 24.80 -8.90
N ASN A 207 1.61 25.28 -10.10
CA ASN A 207 2.57 25.46 -11.17
C ASN A 207 3.40 24.22 -11.46
N LEU A 208 2.71 23.08 -11.58
CA LEU A 208 3.38 21.82 -11.88
C LEU A 208 3.13 21.49 -13.34
N ILE A 209 4.09 20.84 -13.98
CA ILE A 209 3.93 20.44 -15.37
C ILE A 209 2.97 19.26 -15.41
N TYR A 210 1.97 19.36 -16.27
CA TYR A 210 0.95 18.33 -16.45
C TYR A 210 1.06 17.73 -17.86
N LEU A 211 1.28 16.41 -17.93
CA LEU A 211 1.44 15.71 -19.23
C LEU A 211 0.41 14.60 -19.44
N SER A 212 0.09 14.32 -20.70
CA SER A 212 -0.82 13.22 -21.06
C SER A 212 0.07 12.07 -21.58
N GLY A 213 -0.42 10.83 -21.50
CA GLY A 213 0.37 9.70 -21.96
C GLY A 213 0.84 9.76 -23.42
N GLU A 214 -0.08 10.08 -24.32
CA GLU A 214 0.26 10.18 -25.74
C GLU A 214 1.48 11.06 -26.03
N GLU A 215 1.58 12.19 -25.35
CA GLU A 215 2.73 13.08 -25.60
C GLU A 215 4.04 12.43 -25.17
N ILE A 216 4.02 11.69 -24.06
CA ILE A 216 5.23 11.04 -23.59
C ILE A 216 5.60 9.89 -24.51
N ILE A 217 4.60 9.13 -24.94
CA ILE A 217 4.86 7.97 -25.79
C ILE A 217 5.46 8.42 -27.11
N ASN A 218 4.82 9.39 -27.74
CA ASN A 218 5.31 9.92 -29.02
C ASN A 218 6.74 10.46 -28.91
N TYR A 219 7.01 11.23 -27.86
CA TYR A 219 8.34 11.81 -27.67
C TYR A 219 9.40 10.73 -27.46
N TYR A 220 9.10 9.74 -26.61
CA TYR A 220 10.03 8.64 -26.33
C TYR A 220 10.29 7.88 -27.62
N ASN B 3 -13.57 1.86 29.27
CA ASN B 3 -13.15 2.48 27.99
C ASN B 3 -13.31 1.52 26.82
N VAL B 4 -13.03 0.25 27.07
CA VAL B 4 -13.17 -0.75 26.02
C VAL B 4 -14.62 -0.89 25.60
N GLU B 5 -15.51 -1.02 26.58
CA GLU B 5 -16.91 -1.14 26.26
C GLU B 5 -17.45 0.09 25.53
N LYS B 6 -16.98 1.30 25.86
CA LYS B 6 -17.44 2.50 25.16
C LYS B 6 -16.96 2.46 23.69
N ALA B 7 -15.76 1.93 23.47
CA ALA B 7 -15.19 1.80 22.13
C ALA B 7 -15.99 0.77 21.31
N ILE B 8 -16.37 -0.32 21.96
CA ILE B 8 -17.17 -1.36 21.31
C ILE B 8 -18.48 -0.74 20.79
N GLU B 9 -19.13 0.10 21.59
CA GLU B 9 -20.36 0.74 21.11
C GLU B 9 -20.10 1.58 19.87
N ALA B 10 -18.99 2.34 19.88
CA ALA B 10 -18.63 3.18 18.75
C ALA B 10 -18.41 2.32 17.53
N LEU B 11 -17.66 1.24 17.70
CA LEU B 11 -17.40 0.33 16.58
C LEU B 11 -18.71 -0.22 16.02
N LYS B 12 -19.64 -0.59 16.90
CA LYS B 12 -20.92 -1.12 16.45
C LYS B 12 -21.74 -0.10 15.65
N LYS B 13 -21.46 1.19 15.82
CA LYS B 13 -22.19 2.25 15.12
C LYS B 13 -21.51 2.62 13.80
N GLY B 14 -20.45 1.89 13.46
CA GLY B 14 -19.74 2.13 12.22
C GLY B 14 -18.82 3.34 12.28
N GLU B 15 -18.36 3.65 13.49
CA GLU B 15 -17.48 4.79 13.64
C GLU B 15 -16.03 4.39 13.56
N ILE B 16 -15.19 5.39 13.34
CA ILE B 16 -13.74 5.19 13.36
C ILE B 16 -13.32 5.40 14.81
N ILE B 17 -12.49 4.52 15.35
CA ILE B 17 -11.95 4.74 16.71
C ILE B 17 -10.45 4.82 16.53
N LEU B 18 -9.72 5.32 17.53
CA LEU B 18 -8.26 5.42 17.44
C LEU B 18 -7.64 4.45 18.46
N VAL B 19 -6.69 3.63 18.04
CA VAL B 19 -6.07 2.67 18.95
C VAL B 19 -4.55 2.84 18.92
N TYR B 20 -3.98 3.11 20.10
CA TYR B 20 -2.53 3.27 20.24
C TYR B 20 -1.96 1.93 20.68
N ASP B 21 -0.83 1.47 20.13
CA ASP B 21 -0.37 0.16 20.58
C ASP B 21 0.39 0.22 21.90
N SER B 22 1.57 0.83 21.94
CA SER B 22 2.34 0.98 23.18
C SER B 22 3.66 1.75 22.99
N ASP B 23 4.17 2.34 24.07
CA ASP B 23 5.42 3.08 24.02
C ASP B 23 6.59 2.18 23.66
N GLU B 24 6.50 0.90 24.02
CA GLU B 24 7.60 -0.03 23.75
C GLU B 24 7.57 -0.71 22.39
N ARG B 25 6.44 -0.63 21.70
CA ARG B 25 6.32 -1.27 20.40
C ARG B 25 6.44 -0.27 19.26
N GLU B 26 5.38 -0.04 18.49
CA GLU B 26 5.50 0.90 17.38
C GLU B 26 5.33 2.36 17.79
N GLY B 27 4.66 2.58 18.92
CA GLY B 27 4.38 3.94 19.38
C GLY B 27 3.43 4.62 18.39
N GLU B 28 2.64 3.80 17.68
CA GLU B 28 1.75 4.32 16.66
C GLU B 28 0.29 4.20 16.98
N THR B 29 -0.49 5.13 16.44
CA THR B 29 -1.94 5.10 16.60
C THR B 29 -2.55 4.82 15.23
N ASP B 30 -3.46 3.87 15.17
CA ASP B 30 -4.16 3.56 13.92
C ASP B 30 -5.60 4.00 14.00
N MET B 31 -6.14 4.50 12.88
CA MET B 31 -7.59 4.74 12.80
C MET B 31 -8.11 3.31 12.53
N VAL B 32 -9.27 2.99 13.09
CA VAL B 32 -9.83 1.65 12.99
C VAL B 32 -11.33 1.67 12.78
N VAL B 33 -11.84 0.82 11.87
CA VAL B 33 -13.29 0.69 11.67
C VAL B 33 -13.59 -0.79 11.51
N ALA B 34 -14.79 -1.21 11.91
CA ALA B 34 -15.22 -2.59 11.73
C ALA B 34 -15.47 -2.68 10.22
N SER B 35 -14.76 -3.58 9.53
CA SER B 35 -14.87 -3.64 8.08
C SER B 35 -16.28 -3.81 7.52
N GLN B 36 -17.15 -4.46 8.28
CA GLN B 36 -18.51 -4.67 7.76
C GLN B 36 -19.30 -3.38 7.61
N PHE B 37 -18.79 -2.30 8.21
CA PHE B 37 -19.42 -0.99 8.16
C PHE B 37 -18.59 0.04 7.39
N ILE B 38 -17.56 -0.43 6.68
CA ILE B 38 -16.70 0.50 5.96
C ILE B 38 -17.47 1.27 4.87
N THR B 39 -17.09 2.52 4.68
CA THR B 39 -17.68 3.38 3.64
C THR B 39 -16.58 4.12 2.88
N PRO B 40 -16.91 4.66 1.70
CA PRO B 40 -15.90 5.40 0.93
C PRO B 40 -15.38 6.58 1.76
N GLU B 41 -16.26 7.15 2.57
CA GLU B 41 -15.89 8.28 3.44
C GLU B 41 -14.81 7.87 4.45
N HIS B 42 -14.88 6.64 4.97
CA HIS B 42 -13.87 6.18 5.93
C HIS B 42 -12.54 6.13 5.19
N ILE B 43 -12.55 5.62 3.97
CA ILE B 43 -11.30 5.51 3.21
C ILE B 43 -10.71 6.91 2.97
N ARG B 44 -11.58 7.86 2.60
CA ARG B 44 -11.14 9.24 2.34
C ARG B 44 -10.53 9.84 3.62
N ILE B 45 -11.17 9.66 4.76
CA ILE B 45 -10.62 10.19 6.01
C ILE B 45 -9.27 9.52 6.36
N MET B 46 -9.17 8.21 6.15
CA MET B 46 -7.90 7.53 6.44
C MET B 46 -6.79 8.03 5.55
N ARG B 47 -7.03 8.15 4.24
CA ARG B 47 -5.91 8.62 3.42
C ARG B 47 -5.54 10.06 3.68
N LYS B 48 -6.52 10.89 4.02
CA LYS B 48 -6.19 12.31 4.25
C LYS B 48 -5.64 12.62 5.64
N ASP B 49 -6.25 12.04 6.66
CA ASP B 49 -5.87 12.35 8.04
C ASP B 49 -4.98 11.32 8.76
N ALA B 50 -4.86 10.10 8.23
CA ALA B 50 -3.98 9.07 8.83
C ALA B 50 -2.79 9.02 7.88
N GLY B 51 -3.00 8.48 6.68
CA GLY B 51 -1.93 8.49 5.69
C GLY B 51 -1.04 7.30 5.47
N GLY B 52 -1.13 6.33 6.37
CA GLY B 52 -0.34 5.11 6.22
C GLY B 52 -0.99 4.16 5.24
N LEU B 53 -0.70 2.88 5.37
CA LEU B 53 -1.31 1.93 4.45
C LEU B 53 -2.71 1.64 4.95
N ILE B 54 -3.67 1.47 4.04
CA ILE B 54 -5.03 1.12 4.50
C ILE B 54 -5.07 -0.40 4.36
N CYS B 55 -5.12 -1.07 5.49
CA CYS B 55 -5.09 -2.53 5.54
C CYS B 55 -6.32 -3.07 6.20
N THR B 56 -6.62 -4.33 5.90
CA THR B 56 -7.76 -4.99 6.50
C THR B 56 -7.27 -6.26 7.19
N ALA B 57 -7.48 -6.30 8.49
CA ALA B 57 -7.03 -7.40 9.35
C ALA B 57 -8.11 -8.44 9.59
N LEU B 58 -7.73 -9.71 9.47
CA LEU B 58 -8.67 -10.80 9.63
C LEU B 58 -8.28 -11.78 10.71
N HIS B 59 -9.27 -12.17 11.50
CA HIS B 59 -9.11 -13.16 12.55
C HIS B 59 -8.49 -14.43 11.93
N PRO B 60 -7.60 -15.11 12.67
CA PRO B 60 -6.99 -16.34 12.13
C PRO B 60 -8.01 -17.41 11.67
N ASP B 61 -9.15 -17.50 12.33
CA ASP B 61 -10.13 -18.51 11.92
C ASP B 61 -10.60 -18.22 10.50
N ILE B 62 -10.74 -16.93 10.19
CA ILE B 62 -11.19 -16.54 8.86
C ILE B 62 -10.11 -16.83 7.84
N CYS B 63 -8.89 -16.49 8.19
CA CYS B 63 -7.78 -16.72 7.27
C CYS B 63 -7.62 -18.21 6.95
N ASN B 64 -7.91 -19.07 7.94
CA ASN B 64 -7.81 -20.51 7.79
C ASN B 64 -8.92 -21.01 6.88
N LYS B 65 -10.11 -20.39 6.96
CA LYS B 65 -11.22 -20.78 6.11
C LYS B 65 -11.06 -20.32 4.66
N LEU B 66 -10.27 -19.28 4.46
CA LEU B 66 -10.00 -18.71 3.14
C LEU B 66 -8.70 -19.27 2.59
N GLY B 67 -7.88 -19.84 3.45
CA GLY B 67 -6.59 -20.37 2.98
C GLY B 67 -5.54 -19.28 2.74
N ILE B 68 -5.70 -18.12 3.36
CA ILE B 68 -4.73 -17.03 3.17
C ILE B 68 -3.54 -17.08 4.16
N PRO B 69 -2.31 -17.19 3.63
CA PRO B 69 -1.12 -17.27 4.48
C PRO B 69 -0.43 -15.92 4.69
N PHE B 70 0.57 -15.92 5.55
CA PHE B 70 1.37 -14.71 5.77
C PHE B 70 2.19 -14.54 4.51
N MET B 71 2.40 -13.30 4.09
CA MET B 71 3.18 -13.04 2.89
C MET B 71 4.62 -13.58 3.03
N VAL B 72 5.16 -13.54 4.24
CA VAL B 72 6.52 -14.05 4.43
C VAL B 72 6.65 -15.51 4.00
N ASP B 73 5.58 -16.27 4.19
CA ASP B 73 5.57 -17.69 3.81
C ASP B 73 5.44 -17.87 2.31
N ILE B 74 4.72 -16.96 1.65
CA ILE B 74 4.59 -17.00 0.20
C ILE B 74 6.00 -16.74 -0.37
N LEU B 75 6.66 -15.71 0.14
CA LEU B 75 8.01 -15.36 -0.31
C LEU B 75 9.06 -16.44 -0.03
N GLU B 76 9.04 -17.05 1.14
CA GLU B 76 10.02 -18.09 1.45
C GLU B 76 9.92 -19.26 0.48
N PHE B 77 8.70 -19.68 0.19
CA PHE B 77 8.49 -20.79 -0.74
C PHE B 77 8.94 -20.40 -2.13
N ALA B 78 8.61 -19.18 -2.55
CA ALA B 78 8.96 -18.71 -3.87
C ALA B 78 10.45 -18.41 -4.01
N SER B 79 11.14 -18.27 -2.90
CA SER B 79 12.57 -17.99 -2.92
C SER B 79 13.32 -19.13 -3.61
N GLN B 80 12.64 -20.26 -3.80
CA GLN B 80 13.24 -21.41 -4.48
C GLN B 80 13.46 -21.06 -5.95
N LYS B 81 12.54 -20.28 -6.52
CA LYS B 81 12.63 -19.88 -7.91
C LYS B 81 13.28 -18.50 -8.02
N PHE B 82 12.77 -17.54 -7.24
CA PHE B 82 13.29 -16.18 -7.25
C PHE B 82 14.18 -16.01 -6.04
N LYS B 83 15.47 -16.28 -6.22
CA LYS B 83 16.44 -16.21 -5.14
C LYS B 83 16.64 -14.87 -4.47
N VAL B 84 16.20 -13.78 -5.08
CA VAL B 84 16.38 -12.48 -4.44
C VAL B 84 15.54 -12.47 -3.17
N LEU B 85 14.39 -13.17 -3.21
CA LEU B 85 13.51 -13.22 -2.04
C LEU B 85 14.22 -13.75 -0.81
N ARG B 86 15.19 -14.64 -1.02
CA ARG B 86 15.96 -15.18 0.10
C ARG B 86 16.86 -14.09 0.65
N GLU B 87 17.48 -13.33 -0.25
CA GLU B 87 18.37 -12.24 0.13
C GLU B 87 17.63 -11.14 0.90
N LEU B 88 16.33 -11.06 0.69
CA LEU B 88 15.49 -10.04 1.37
C LEU B 88 14.79 -10.58 2.61
N TYR B 89 15.18 -11.77 3.09
CA TYR B 89 14.50 -12.30 4.27
C TYR B 89 14.54 -11.34 5.45
N PRO B 90 13.43 -11.24 6.20
CA PRO B 90 13.36 -10.36 7.37
C PRO B 90 13.85 -11.06 8.63
N ASN B 91 15.07 -11.61 8.54
CA ASN B 91 15.71 -12.34 9.64
C ASN B 91 16.20 -11.42 10.75
N ASP B 92 15.97 -10.13 10.61
CA ASP B 92 16.43 -9.17 11.59
C ASP B 92 15.34 -8.42 12.36
N ILE B 93 14.10 -8.90 12.27
CA ILE B 93 13.00 -8.25 12.95
C ILE B 93 12.72 -8.98 14.28
N PRO B 94 12.51 -8.24 15.39
CA PRO B 94 12.22 -8.86 16.69
C PRO B 94 10.98 -9.70 16.51
N TYR B 95 10.93 -10.87 17.15
CA TYR B 95 9.77 -11.72 17.00
C TYR B 95 8.44 -10.99 17.23
N ASP B 96 8.40 -10.12 18.23
CA ASP B 96 7.20 -9.36 18.58
C ASP B 96 6.71 -8.44 17.48
N GLU B 97 7.61 -8.07 16.59
CA GLU B 97 7.30 -7.15 15.49
C GLU B 97 7.20 -7.81 14.12
N LYS B 98 7.26 -9.14 14.12
CA LYS B 98 7.15 -9.92 12.90
C LYS B 98 5.91 -9.46 12.13
N SER B 99 6.06 -9.29 10.83
CA SER B 99 4.97 -8.80 10.00
C SER B 99 3.67 -9.60 10.01
N SER B 100 2.55 -8.88 9.95
CA SER B 100 1.25 -9.54 9.87
C SER B 100 0.75 -9.47 8.41
N PHE B 101 1.61 -8.97 7.51
CA PHE B 101 1.23 -8.85 6.10
C PHE B 101 0.83 -10.17 5.44
N SER B 102 -0.30 -10.14 4.72
CA SER B 102 -0.75 -11.28 3.93
C SER B 102 -0.78 -10.76 2.48
N ILE B 103 -1.70 -11.28 1.66
CA ILE B 103 -1.80 -10.89 0.26
C ILE B 103 -2.54 -9.57 0.04
N THR B 104 -2.50 -9.05 -1.20
CA THR B 104 -3.23 -7.82 -1.54
C THR B 104 -4.34 -8.24 -2.48
N ILE B 105 -5.48 -7.58 -2.40
CA ILE B 105 -6.61 -7.92 -3.25
C ILE B 105 -7.43 -6.73 -3.76
N ASN B 106 -8.19 -6.98 -4.81
CA ASN B 106 -9.17 -6.06 -5.33
C ASN B 106 -10.38 -6.96 -5.62
N HIS B 107 -11.59 -6.46 -5.41
CA HIS B 107 -12.76 -7.25 -5.81
C HIS B 107 -12.73 -7.17 -7.35
N ARG B 108 -13.12 -8.25 -8.01
CA ARG B 108 -13.07 -8.27 -9.47
C ARG B 108 -13.97 -7.26 -10.17
N LYS B 109 -15.00 -6.79 -9.48
CA LYS B 109 -15.91 -5.81 -10.09
C LYS B 109 -15.34 -4.38 -10.02
N THR B 110 -14.22 -4.17 -9.34
CA THR B 110 -13.64 -2.82 -9.30
C THR B 110 -12.80 -2.59 -10.56
N PHE B 111 -12.46 -1.34 -10.84
CA PHE B 111 -11.69 -1.04 -12.04
C PHE B 111 -10.20 -0.94 -11.72
N THR B 112 -9.67 0.21 -11.28
CA THR B 112 -8.25 0.24 -10.94
C THR B 112 -8.03 -0.30 -9.54
N GLY B 113 -9.09 -0.25 -8.73
CA GLY B 113 -9.04 -0.76 -7.37
C GLY B 113 -8.61 0.20 -6.28
N ILE B 114 -8.11 1.37 -6.66
CA ILE B 114 -7.58 2.32 -5.67
C ILE B 114 -8.50 3.41 -5.14
N THR B 115 -9.60 3.70 -5.83
CA THR B 115 -10.50 4.76 -5.40
C THR B 115 -11.16 4.49 -4.07
N ASP B 116 -11.64 5.53 -3.40
CA ASP B 116 -12.34 5.30 -2.15
C ASP B 116 -13.49 4.32 -2.41
N ASN B 117 -14.21 4.55 -3.49
CA ASN B 117 -15.30 3.65 -3.81
C ASN B 117 -14.80 2.22 -4.00
N ASP B 118 -13.74 2.05 -4.79
CA ASP B 118 -13.19 0.70 -5.03
C ASP B 118 -12.69 0.01 -3.76
N ARG B 119 -11.90 0.71 -2.95
CA ARG B 119 -11.42 0.10 -1.73
C ARG B 119 -12.54 -0.21 -0.73
N ALA B 120 -13.50 0.70 -0.54
CA ALA B 120 -14.62 0.40 0.36
C ALA B 120 -15.42 -0.79 -0.19
N PHE B 121 -15.60 -0.87 -1.51
CA PHE B 121 -16.36 -1.99 -2.07
C PHE B 121 -15.59 -3.30 -1.85
N THR B 122 -14.30 -3.32 -2.17
CA THR B 122 -13.49 -4.51 -1.96
C THR B 122 -13.59 -5.00 -0.51
N ILE B 123 -13.41 -4.09 0.44
CA ILE B 123 -13.44 -4.45 1.86
C ILE B 123 -14.83 -4.90 2.34
N LYS B 124 -15.85 -4.14 1.96
CA LYS B 124 -17.22 -4.48 2.38
C LYS B 124 -17.67 -5.82 1.79
N LYS B 125 -17.30 -6.08 0.54
CA LYS B 125 -17.68 -7.36 -0.11
C LYS B 125 -16.95 -8.52 0.59
N LEU B 126 -15.71 -8.29 1.02
CA LEU B 126 -14.98 -9.35 1.71
C LEU B 126 -15.66 -9.64 3.06
N ALA B 127 -16.03 -8.59 3.80
CA ALA B 127 -16.69 -8.81 5.08
C ALA B 127 -18.05 -9.50 4.90
N GLU B 128 -18.71 -9.16 3.80
CA GLU B 128 -20.01 -9.76 3.49
C GLU B 128 -19.83 -11.25 3.24
N LEU B 129 -18.91 -11.58 2.35
CA LEU B 129 -18.63 -12.97 2.01
C LEU B 129 -18.31 -13.80 3.26
N VAL B 130 -17.52 -13.22 4.17
CA VAL B 130 -17.13 -13.90 5.39
C VAL B 130 -18.31 -14.03 6.34
N LYS B 131 -19.06 -12.96 6.55
CA LYS B 131 -20.19 -13.05 7.46
C LYS B 131 -21.19 -14.12 7.00
N GLU B 132 -21.37 -14.21 5.69
CA GLU B 132 -22.29 -15.16 5.08
C GLU B 132 -21.74 -16.59 4.97
N GLY B 133 -20.44 -16.75 5.20
CA GLY B 133 -19.83 -18.06 5.12
C GLY B 133 -19.63 -18.59 3.71
N ARG B 134 -19.55 -17.69 2.73
CA ARG B 134 -19.35 -18.08 1.33
C ARG B 134 -17.86 -18.08 1.01
N PHE B 135 -17.10 -18.84 1.80
CA PHE B 135 -15.65 -18.91 1.63
C PHE B 135 -15.14 -19.35 0.26
N ASN B 136 -15.82 -20.32 -0.35
CA ASN B 136 -15.43 -20.79 -1.67
C ASN B 136 -15.58 -19.73 -2.76
N ASP B 137 -16.33 -18.67 -2.49
CA ASP B 137 -16.52 -17.59 -3.45
C ASP B 137 -15.35 -16.60 -3.47
N PHE B 138 -14.38 -16.76 -2.57
CA PHE B 138 -13.24 -15.84 -2.49
C PHE B 138 -12.49 -15.67 -3.82
N GLY B 139 -12.07 -16.77 -4.43
CA GLY B 139 -11.38 -16.65 -5.71
C GLY B 139 -12.27 -16.16 -6.84
N LYS B 140 -13.56 -16.43 -6.73
CA LYS B 140 -14.52 -16.03 -7.76
C LYS B 140 -14.73 -14.53 -7.78
N GLU B 141 -14.71 -13.96 -6.59
CA GLU B 141 -14.95 -12.53 -6.43
C GLU B 141 -13.75 -11.63 -6.36
N PHE B 142 -12.58 -12.19 -6.06
CA PHE B 142 -11.40 -11.34 -5.89
C PHE B 142 -10.18 -11.78 -6.68
N ARG B 143 -9.28 -10.85 -6.93
CA ARG B 143 -8.05 -11.14 -7.63
C ARG B 143 -6.89 -10.54 -6.82
N SER B 144 -5.70 -11.09 -7.01
CA SER B 144 -4.50 -10.64 -6.31
C SER B 144 -3.36 -10.64 -7.33
N PRO B 145 -2.43 -9.65 -7.28
CA PRO B 145 -2.36 -8.52 -6.34
C PRO B 145 -3.44 -7.44 -6.56
N GLY B 146 -3.50 -6.49 -5.62
CA GLY B 146 -4.49 -5.42 -5.71
C GLY B 146 -4.12 -4.29 -4.75
N SER B 147 -5.07 -3.39 -4.50
CA SER B 147 -4.75 -2.25 -3.66
C SER B 147 -5.07 -2.36 -2.18
N VAL B 148 -5.85 -3.35 -1.80
CA VAL B 148 -6.19 -3.52 -0.39
C VAL B 148 -5.28 -4.59 0.20
N THR B 149 -4.44 -4.19 1.13
CA THR B 149 -3.54 -5.13 1.78
C THR B 149 -4.27 -5.87 2.91
N LEU B 150 -4.19 -7.20 2.92
CA LEU B 150 -4.80 -7.98 4.00
C LEU B 150 -3.74 -8.31 5.06
N LEU B 151 -4.16 -8.35 6.32
CA LEU B 151 -3.29 -8.69 7.44
C LEU B 151 -3.87 -9.96 8.10
N ARG B 152 -2.99 -10.88 8.47
CA ARG B 152 -3.43 -12.11 9.15
C ARG B 152 -3.11 -12.00 10.64
N ALA B 153 -4.15 -12.00 11.47
CA ALA B 153 -3.97 -11.90 12.92
C ALA B 153 -3.44 -13.21 13.51
N ALA B 154 -2.62 -13.09 14.53
CA ALA B 154 -2.01 -14.25 15.15
C ALA B 154 -3.02 -15.21 15.78
N GLU B 155 -2.70 -16.50 15.72
CA GLU B 155 -3.55 -17.51 16.34
C GLU B 155 -3.54 -17.12 17.83
N GLY B 156 -4.71 -17.06 18.46
CA GLY B 156 -4.76 -16.66 19.86
C GLY B 156 -4.77 -15.16 20.07
N LEU B 157 -4.80 -14.41 18.97
CA LEU B 157 -4.80 -12.95 19.01
C LEU B 157 -3.81 -12.37 20.02
N VAL B 158 -4.26 -11.47 20.88
CA VAL B 158 -3.36 -10.77 21.79
C VAL B 158 -2.62 -11.64 22.79
N LYS B 159 -2.95 -12.92 22.85
CA LYS B 159 -2.22 -13.81 23.74
C LYS B 159 -0.82 -14.02 23.15
N ASN B 160 -0.75 -14.06 21.82
CA ASN B 160 0.51 -14.32 21.11
C ASN B 160 1.16 -13.19 20.29
N ARG B 161 0.43 -12.14 19.99
CA ARG B 161 1.01 -10.98 19.29
C ARG B 161 0.18 -9.78 19.72
N GLN B 162 0.85 -8.65 19.96
CA GLN B 162 0.18 -7.47 20.44
C GLN B 162 0.24 -6.26 19.50
N GLY B 163 0.04 -6.53 18.21
CA GLY B 163 0.04 -5.43 17.25
C GLY B 163 -1.38 -4.93 17.04
N HIS B 164 -1.51 -3.85 16.28
CA HIS B 164 -2.86 -3.33 15.97
C HIS B 164 -3.68 -4.43 15.28
N THR B 165 -3.02 -5.27 14.51
CA THR B 165 -3.72 -6.36 13.81
C THR B 165 -4.50 -7.19 14.82
N GLU B 166 -3.82 -7.70 15.85
CA GLU B 166 -4.50 -8.52 16.86
C GLU B 166 -5.43 -7.73 17.78
N MET B 167 -5.00 -6.55 18.19
CA MET B 167 -5.82 -5.76 19.10
C MET B 167 -7.15 -5.34 18.51
N THR B 168 -7.11 -4.86 17.28
CA THR B 168 -8.35 -4.44 16.65
C THR B 168 -9.28 -5.61 16.32
N VAL B 169 -8.74 -6.73 15.84
CA VAL B 169 -9.57 -7.89 15.56
C VAL B 169 -10.19 -8.41 16.87
N ALA B 170 -9.42 -8.34 17.96
CA ALA B 170 -9.90 -8.79 19.28
C ALA B 170 -11.07 -7.89 19.69
N LEU B 171 -10.92 -6.60 19.44
CA LEU B 171 -11.99 -5.66 19.79
C LEU B 171 -13.27 -5.97 18.98
N ALA B 172 -13.13 -6.28 17.69
CA ALA B 172 -14.28 -6.61 16.87
C ALA B 172 -14.92 -7.92 17.41
N GLU B 173 -14.09 -8.87 17.81
CA GLU B 173 -14.62 -10.13 18.35
C GLU B 173 -15.42 -9.82 19.63
N LEU B 174 -14.87 -8.98 20.49
CA LEU B 174 -15.55 -8.60 21.73
C LEU B 174 -16.89 -7.91 21.46
N ALA B 175 -16.96 -7.15 20.37
CA ALA B 175 -18.15 -6.43 19.98
C ALA B 175 -19.21 -7.32 19.34
N ASN B 176 -18.90 -8.61 19.18
CA ASN B 176 -19.78 -9.57 18.54
C ASN B 176 -20.03 -9.20 17.08
N LEU B 177 -18.99 -8.64 16.46
CA LEU B 177 -19.05 -8.26 15.06
C LEU B 177 -18.22 -9.26 14.26
N VAL B 178 -18.27 -9.19 12.94
CA VAL B 178 -17.43 -10.04 12.10
C VAL B 178 -16.02 -9.55 12.49
N PRO B 179 -15.13 -10.46 12.91
CA PRO B 179 -13.78 -10.08 13.32
C PRO B 179 -12.80 -9.72 12.22
N ILE B 180 -13.14 -8.61 11.56
CA ILE B 180 -12.38 -8.05 10.44
C ILE B 180 -12.43 -6.54 10.61
N THR B 181 -11.26 -5.91 10.62
CA THR B 181 -11.16 -4.48 10.80
C THR B 181 -10.31 -3.87 9.69
N THR B 182 -10.50 -2.58 9.47
CA THR B 182 -9.70 -1.88 8.46
C THR B 182 -8.98 -0.83 9.28
N ILE B 183 -7.67 -0.77 9.11
CA ILE B 183 -6.83 0.10 9.91
C ILE B 183 -5.83 0.89 9.08
N CYS B 184 -5.43 2.05 9.59
CA CYS B 184 -4.51 2.93 8.88
C CYS B 184 -3.68 3.70 9.88
N GLU B 185 -2.35 3.63 9.77
CA GLU B 185 -1.46 4.32 10.71
C GLU B 185 -1.51 5.84 10.53
N MET B 186 -1.51 6.57 11.65
CA MET B 186 -1.57 8.02 11.60
C MET B 186 -0.19 8.62 11.52
N MET B 187 0.07 9.27 10.40
CA MET B 187 1.37 9.89 10.08
C MET B 187 1.45 11.38 10.40
N GLY B 188 2.59 11.81 10.94
CA GLY B 188 2.78 13.21 11.30
C GLY B 188 3.47 14.12 10.28
N ASP B 189 3.21 15.41 10.40
CA ASP B 189 3.81 16.40 9.53
C ASP B 189 5.33 16.50 9.67
N ASP B 190 5.87 16.02 10.80
CA ASP B 190 7.32 16.07 11.04
C ASP B 190 8.04 14.87 10.39
N GLY B 191 7.29 14.04 9.66
CA GLY B 191 7.91 12.91 8.98
C GLY B 191 7.92 11.61 9.76
N ASN B 192 7.47 11.67 11.01
CA ASN B 192 7.43 10.48 11.84
C ASN B 192 5.96 10.12 12.09
N ALA B 193 5.70 9.11 12.91
CA ALA B 193 4.30 8.76 13.22
C ALA B 193 3.75 9.86 14.10
N MET B 194 2.45 10.13 14.00
CA MET B 194 1.87 11.10 14.93
C MET B 194 2.05 10.55 16.35
N SER B 195 2.39 11.43 17.30
CA SER B 195 2.61 10.97 18.68
C SER B 195 1.29 10.70 19.37
N LYS B 196 1.35 9.99 20.49
CA LYS B 196 0.16 9.68 21.24
C LYS B 196 -0.54 10.98 21.64
N ASN B 197 0.22 12.03 21.97
CA ASN B 197 -0.45 13.28 22.36
C ASN B 197 -1.17 13.86 21.16
N GLU B 198 -0.56 13.74 19.99
CA GLU B 198 -1.15 14.24 18.75
C GLU B 198 -2.40 13.47 18.31
N THR B 199 -2.41 12.16 18.53
CA THR B 199 -3.58 11.40 18.09
C THR B 199 -4.71 11.56 19.11
N LYS B 200 -4.39 11.69 20.39
CA LYS B 200 -5.44 11.89 21.38
C LYS B 200 -6.13 13.22 21.05
N ARG B 201 -5.32 14.20 20.67
CA ARG B 201 -5.79 15.51 20.29
C ARG B 201 -6.78 15.45 19.11
N TYR B 202 -6.46 14.64 18.10
CA TYR B 202 -7.31 14.49 16.94
C TYR B 202 -8.64 13.84 17.34
N ALA B 203 -8.56 12.82 18.19
CA ALA B 203 -9.77 12.14 18.66
C ALA B 203 -10.67 13.13 19.39
N GLU B 204 -10.09 14.00 20.23
CA GLU B 204 -10.92 14.97 20.94
C GLU B 204 -11.59 15.95 19.99
N LYS B 205 -10.84 16.44 19.00
CA LYS B 205 -11.35 17.39 18.04
C LYS B 205 -12.51 16.81 17.21
N HIS B 206 -12.42 15.53 16.89
CA HIS B 206 -13.43 14.87 16.05
C HIS B 206 -14.44 13.98 16.76
N ASN B 207 -14.48 14.08 18.08
CA ASN B 207 -15.40 13.30 18.89
C ASN B 207 -15.27 11.80 18.66
N LEU B 208 -14.02 11.32 18.59
CA LEU B 208 -13.76 9.90 18.40
C LEU B 208 -13.20 9.27 19.65
N ILE B 209 -13.39 7.97 19.77
CA ILE B 209 -12.87 7.19 20.88
C ILE B 209 -11.38 6.97 20.68
N TYR B 210 -10.61 7.17 21.74
CA TYR B 210 -9.16 6.93 21.72
C TYR B 210 -8.94 5.83 22.74
N LEU B 211 -8.29 4.75 22.33
CA LEU B 211 -8.08 3.61 23.18
C LEU B 211 -6.63 3.12 23.20
N SER B 212 -6.13 2.78 24.39
CA SER B 212 -4.77 2.26 24.50
C SER B 212 -4.83 0.75 24.32
N GLY B 213 -3.83 0.20 23.65
CA GLY B 213 -3.78 -1.22 23.40
C GLY B 213 -3.77 -2.04 24.68
N GLU B 214 -3.10 -1.52 25.70
CA GLU B 214 -3.02 -2.20 26.97
C GLU B 214 -4.42 -2.49 27.50
N GLU B 215 -5.32 -1.53 27.38
CA GLU B 215 -6.68 -1.73 27.86
C GLU B 215 -7.42 -2.83 27.10
N ILE B 216 -7.22 -2.91 25.79
CA ILE B 216 -7.88 -3.96 25.01
C ILE B 216 -7.33 -5.33 25.40
N ILE B 217 -6.00 -5.39 25.54
CA ILE B 217 -5.33 -6.63 25.88
C ILE B 217 -5.84 -7.13 27.24
N ASN B 218 -5.80 -6.24 28.24
CA ASN B 218 -6.26 -6.59 29.58
C ASN B 218 -7.71 -7.06 29.56
N TYR B 219 -8.58 -6.33 28.87
CA TYR B 219 -9.99 -6.70 28.79
C TYR B 219 -10.14 -8.08 28.14
N TYR B 220 -9.46 -8.29 27.02
CA TYR B 220 -9.54 -9.57 26.30
C TYR B 220 -9.05 -10.78 27.10
N LEU B 221 -7.91 -10.61 27.77
CA LEU B 221 -7.32 -11.68 28.57
C LEU B 221 -7.99 -11.78 29.93
#